data_4Q46
#
_entry.id   4Q46
#
_cell.length_a   43.074
_cell.length_b   88.543
_cell.length_c   52.151
_cell.angle_alpha   90.00
_cell.angle_beta   105.18
_cell.angle_gamma   90.00
#
_symmetry.space_group_name_H-M   'P 1 21 1'
#
loop_
_entity.id
_entity.type
_entity.pdbx_description
1 polymer 'Polymerase basic protein 2'
2 non-polymer "GUANOSINE-5'-DIPHOSPHATE"
3 water water
#
_entity_poly.entity_id   1
_entity_poly.type   'polypeptide(L)'
_entity_poly.pdbx_seq_one_letter_code
;GSHMGLKIRQRQRFGRLELKRISGRGFKNDEEILIGNGTIQKIGIWDGEEEFHVRCGECRGILKKSKMKLEKLLINSAKK
EDMRDLIILCMVFSQDTRMFQGVRGEINFLNRAGQLLSPMYQLQRYFLNRSSDLFDQWGYEESPKASELHGINESMNASD
YTLKGVVVTKN
;
_entity_poly.pdbx_strand_id   A,B
#
# COMPACT_ATOMS: atom_id res chain seq x y z
N ILE A 8 -2.16 6.19 -22.36
CA ILE A 8 -1.50 4.83 -22.39
C ILE A 8 -0.31 4.62 -21.44
N ARG A 9 0.52 5.61 -21.19
CA ARG A 9 1.74 5.21 -20.45
C ARG A 9 1.84 5.77 -19.00
N GLN A 10 0.82 6.47 -18.54
CA GLN A 10 1.02 7.19 -17.30
C GLN A 10 0.41 6.50 -16.12
N ARG A 11 1.11 6.55 -14.98
CA ARG A 11 0.58 5.95 -13.76
C ARG A 11 -0.45 6.92 -13.20
N GLN A 12 -1.62 6.41 -12.84
CA GLN A 12 -2.67 7.18 -12.30
CA GLN A 12 -2.68 7.23 -12.29
C GLN A 12 -3.26 6.58 -11.07
N ARG A 13 -4.05 7.34 -10.31
CA ARG A 13 -4.67 6.75 -9.11
C ARG A 13 -6.18 6.79 -9.16
N PHE A 14 -6.84 5.73 -8.60
CA PHE A 14 -8.27 5.78 -8.20
C PHE A 14 -8.22 5.45 -6.70
N GLY A 15 -7.99 6.46 -5.86
CA GLY A 15 -7.80 6.22 -4.43
C GLY A 15 -6.64 5.25 -4.17
N ARG A 16 -6.98 4.19 -3.45
CA ARG A 16 -6.01 3.21 -3.04
C ARG A 16 -5.55 2.39 -4.26
N LEU A 17 -6.27 2.46 -5.39
CA LEU A 17 -5.85 1.69 -6.61
C LEU A 17 -4.89 2.52 -7.43
N GLU A 18 -3.80 1.92 -7.91
CA GLU A 18 -2.95 2.55 -8.90
C GLU A 18 -3.13 1.83 -10.23
N LEU A 19 -3.17 2.58 -11.35
CA LEU A 19 -3.37 1.97 -12.67
C LEU A 19 -2.45 2.61 -13.68
N LYS A 20 -2.16 1.84 -14.74
CA LYS A 20 -1.43 2.37 -15.87
C LYS A 20 -2.00 1.62 -17.09
N ARG A 21 -2.55 2.40 -18.01
CA ARG A 21 -3.19 1.77 -19.20
C ARG A 21 -2.23 0.94 -20.03
N ILE A 22 -2.73 -0.22 -20.43
CA ILE A 22 -2.04 -1.09 -21.37
C ILE A 22 -2.62 -0.90 -22.80
N SER A 23 -3.95 -0.91 -22.89
CA SER A 23 -4.59 -0.81 -24.19
C SER A 23 -6.03 -0.37 -24.06
N GLY A 24 -6.63 -0.07 -25.22
CA GLY A 24 -8.03 0.28 -25.27
C GLY A 24 -8.30 1.70 -24.90
N ARG A 25 -9.57 2.02 -24.94
CA ARG A 25 -10.05 3.37 -24.68
C ARG A 25 -11.50 3.29 -24.18
N GLY A 26 -11.78 4.01 -23.10
CA GLY A 26 -13.15 4.12 -22.63
C GLY A 26 -13.70 5.52 -22.93
N PHE A 27 -14.99 5.57 -23.09
CA PHE A 27 -15.73 6.82 -23.28
C PHE A 27 -16.76 6.90 -22.23
N LYS A 28 -16.82 8.02 -21.52
CA LYS A 28 -17.69 8.14 -20.34
C LYS A 28 -18.99 8.88 -20.68
N ASN A 29 -20.12 8.30 -20.27
CA ASN A 29 -21.46 8.90 -20.39
C ASN A 29 -22.24 8.78 -19.09
N ASP A 30 -22.95 9.83 -18.65
CA ASP A 30 -23.77 9.73 -17.44
C ASP A 30 -24.95 8.78 -17.69
N GLU A 31 -25.18 7.85 -16.75
CA GLU A 31 -26.30 6.93 -16.79
C GLU A 31 -26.95 6.89 -15.42
N GLU A 32 -28.26 6.62 -15.38
CA GLU A 32 -28.95 6.53 -14.08
C GLU A 32 -28.83 5.08 -13.61
N ILE A 33 -28.12 4.86 -12.51
CA ILE A 33 -27.74 3.51 -12.14
C ILE A 33 -28.51 3.20 -10.89
N LEU A 34 -29.21 2.08 -10.96
CA LEU A 34 -29.86 1.53 -9.77
C LEU A 34 -28.80 0.83 -8.88
N ILE A 35 -28.65 1.30 -7.66
CA ILE A 35 -27.80 0.61 -6.71
C ILE A 35 -28.60 -0.32 -5.77
N GLY A 36 -27.90 -1.23 -5.13
CA GLY A 36 -28.61 -2.33 -4.49
C GLY A 36 -29.53 -1.96 -3.32
N ASN A 37 -29.40 -0.75 -2.78
CA ASN A 37 -30.29 -0.26 -1.70
C ASN A 37 -31.54 0.41 -2.28
N GLY A 38 -31.73 0.37 -3.59
CA GLY A 38 -32.93 0.97 -4.21
C GLY A 38 -32.74 2.35 -4.79
N THR A 39 -31.70 3.08 -4.43
CA THR A 39 -31.54 4.46 -4.87
C THR A 39 -31.13 4.39 -6.35
N ILE A 40 -31.49 5.40 -7.13
CA ILE A 40 -30.96 5.53 -8.50
C ILE A 40 -30.04 6.73 -8.43
N GLN A 41 -28.79 6.59 -8.89
CA GLN A 41 -27.83 7.64 -8.82
C GLN A 41 -27.24 7.83 -10.18
N LYS A 42 -27.16 9.08 -10.60
CA LYS A 42 -26.44 9.37 -11.84
C LYS A 42 -24.94 9.20 -11.67
N ILE A 43 -24.36 8.35 -12.51
CA ILE A 43 -22.89 8.04 -12.47
C ILE A 43 -22.31 8.10 -13.87
N GLY A 44 -21.11 8.66 -14.02
CA GLY A 44 -20.45 8.51 -15.33
C GLY A 44 -19.90 7.12 -15.56
N ILE A 45 -20.46 6.46 -16.58
CA ILE A 45 -20.16 5.08 -16.88
C ILE A 45 -19.26 4.99 -18.12
N TRP A 46 -18.17 4.24 -17.98
CA TRP A 46 -17.21 4.08 -19.10
C TRP A 46 -17.67 2.95 -20.02
N ASP A 47 -17.63 3.24 -21.33
CA ASP A 47 -17.95 2.21 -22.36
C ASP A 47 -16.71 1.97 -23.17
N GLY A 48 -16.45 0.73 -23.52
CA GLY A 48 -15.29 0.34 -24.35
C GLY A 48 -14.40 -0.72 -23.67
N GLU A 49 -13.69 -1.49 -24.48
CA GLU A 49 -12.69 -2.42 -23.92
C GLU A 49 -11.42 -1.65 -23.46
N GLU A 50 -10.99 -1.92 -22.22
CA GLU A 50 -9.78 -1.32 -21.64
C GLU A 50 -8.99 -2.33 -20.86
N GLU A 51 -7.65 -2.18 -20.90
CA GLU A 51 -6.83 -3.06 -20.16
C GLU A 51 -5.79 -2.24 -19.38
N PHE A 52 -5.58 -2.57 -18.10
CA PHE A 52 -4.67 -1.76 -17.23
C PHE A 52 -3.75 -2.65 -16.42
N HIS A 53 -2.49 -2.24 -16.25
CA HIS A 53 -1.79 -2.66 -15.07
C HIS A 53 -2.45 -1.99 -13.85
N VAL A 54 -2.50 -2.75 -12.77
CA VAL A 54 -3.09 -2.28 -11.53
C VAL A 54 -2.19 -2.67 -10.32
N ARG A 55 -2.38 -1.98 -9.22
CA ARG A 55 -1.58 -2.27 -8.01
C ARG A 55 -2.36 -1.82 -6.78
N CYS A 56 -2.31 -2.58 -5.71
CA CYS A 56 -2.71 -2.04 -4.40
C CYS A 56 -1.62 -2.55 -3.45
N GLY A 57 -0.85 -1.66 -2.87
CA GLY A 57 0.22 -2.22 -2.05
C GLY A 57 1.19 -3.07 -2.78
N GLU A 58 1.44 -4.25 -2.21
CA GLU A 58 2.38 -5.22 -2.78
C GLU A 58 1.73 -6.19 -3.83
N CYS A 59 0.44 -6.02 -4.08
CA CYS A 59 -0.25 -6.90 -5.03
C CYS A 59 -0.42 -6.16 -6.37
N ARG A 60 -0.03 -6.79 -7.47
CA ARG A 60 -0.16 -6.15 -8.78
C ARG A 60 -0.85 -7.10 -9.74
N GLY A 61 -1.40 -6.51 -10.79
CA GLY A 61 -2.24 -7.37 -11.63
C GLY A 61 -2.42 -6.73 -12.97
N ILE A 62 -3.20 -7.39 -13.81
CA ILE A 62 -3.68 -6.85 -15.06
C ILE A 62 -5.18 -7.01 -15.07
N LEU A 63 -5.87 -5.89 -15.25
CA LEU A 63 -7.31 -5.79 -15.31
C LEU A 63 -7.80 -5.53 -16.72
N LYS A 64 -8.80 -6.30 -17.13
CA LYS A 64 -9.46 -6.12 -18.40
C LYS A 64 -10.92 -5.90 -18.07
N LYS A 65 -11.47 -4.83 -18.61
CA LYS A 65 -12.85 -4.44 -18.32
C LYS A 65 -13.56 -4.12 -19.63
N SER A 66 -14.88 -4.26 -19.63
CA SER A 66 -15.70 -3.63 -20.71
C SER A 66 -16.81 -2.87 -19.99
N LYS A 67 -17.83 -2.40 -20.73
CA LYS A 67 -18.78 -1.52 -20.10
C LYS A 67 -19.48 -2.27 -18.95
N MET A 68 -19.38 -1.70 -17.76
CA MET A 68 -19.99 -2.31 -16.54
C MET A 68 -19.65 -3.81 -16.36
N LYS A 69 -18.40 -4.17 -16.65
CA LYS A 69 -18.01 -5.53 -16.52
C LYS A 69 -16.55 -5.75 -16.25
N LEU A 70 -16.23 -6.41 -15.13
CA LEU A 70 -14.84 -6.93 -14.95
C LEU A 70 -14.73 -8.20 -15.79
N GLU A 71 -13.92 -8.19 -16.84
CA GLU A 71 -13.81 -9.37 -17.69
C GLU A 71 -12.76 -10.33 -17.16
N LYS A 72 -11.60 -9.82 -16.77
CA LYS A 72 -10.55 -10.67 -16.24
C LYS A 72 -9.65 -9.86 -15.28
N LEU A 73 -9.22 -10.49 -14.21
CA LEU A 73 -8.21 -9.87 -13.31
C LEU A 73 -7.18 -10.92 -12.97
N LEU A 74 -5.94 -10.70 -13.38
CA LEU A 74 -4.85 -11.67 -13.15
C LEU A 74 -3.85 -10.98 -12.25
N ILE A 75 -3.62 -11.55 -11.07
CA ILE A 75 -2.83 -10.90 -9.98
C ILE A 75 -1.75 -11.82 -9.52
N ASN A 76 -0.75 -11.26 -8.86
CA ASN A 76 0.22 -12.06 -8.17
C ASN A 76 -0.25 -12.45 -6.77
N SER A 77 0.47 -13.40 -6.19
CA SER A 77 0.19 -13.79 -4.87
C SER A 77 0.90 -12.72 -4.01
N ALA A 78 0.22 -12.29 -2.96
CA ALA A 78 0.75 -11.27 -2.06
C ALA A 78 0.10 -11.36 -0.69
N LYS A 79 0.47 -10.43 0.21
CA LYS A 79 -0.15 -10.29 1.49
C LYS A 79 -1.67 -10.38 1.30
N LYS A 80 -2.42 -11.20 2.06
CA LYS A 80 -3.84 -11.36 1.72
C LYS A 80 -4.64 -10.04 1.78
N GLU A 81 -4.32 -9.14 2.71
CA GLU A 81 -4.99 -7.84 2.77
C GLU A 81 -4.85 -7.05 1.46
N ASP A 82 -3.68 -7.09 0.85
CA ASP A 82 -3.49 -6.38 -0.43
C ASP A 82 -4.19 -7.10 -1.60
N MET A 83 -4.18 -8.45 -1.61
CA MET A 83 -4.94 -9.16 -2.60
C MET A 83 -6.39 -8.81 -2.53
N ARG A 84 -6.95 -8.82 -1.30
CA ARG A 84 -8.36 -8.54 -1.15
C ARG A 84 -8.70 -7.10 -1.59
N ASP A 85 -7.87 -6.15 -1.14
CA ASP A 85 -8.14 -4.81 -1.54
C ASP A 85 -7.99 -4.54 -3.05
N LEU A 86 -7.03 -5.20 -3.71
CA LEU A 86 -6.84 -5.00 -5.16
C LEU A 86 -8.13 -5.56 -5.81
N ILE A 87 -8.54 -6.72 -5.37
CA ILE A 87 -9.70 -7.33 -6.06
C ILE A 87 -10.94 -6.46 -5.86
N ILE A 88 -11.19 -5.98 -4.64
CA ILE A 88 -12.38 -5.13 -4.39
C ILE A 88 -12.24 -3.85 -5.26
N LEU A 89 -11.04 -3.24 -5.26
CA LEU A 89 -10.86 -1.98 -6.01
C LEU A 89 -11.05 -2.19 -7.51
N CYS A 90 -10.66 -3.35 -7.98
CA CYS A 90 -10.86 -3.57 -9.42
C CYS A 90 -12.32 -3.84 -9.72
N MET A 91 -13.02 -4.50 -8.76
CA MET A 91 -14.47 -4.74 -8.96
C MET A 91 -15.21 -3.39 -9.04
N VAL A 92 -14.85 -2.45 -8.16
CA VAL A 92 -15.44 -1.12 -8.20
C VAL A 92 -15.03 -0.32 -9.50
N PHE A 93 -13.74 -0.29 -9.80
CA PHE A 93 -13.20 0.47 -10.93
C PHE A 93 -13.84 -0.07 -12.23
N SER A 94 -14.10 -1.37 -12.27
CA SER A 94 -14.78 -2.01 -13.42
CA SER A 94 -14.75 -1.97 -13.45
C SER A 94 -16.20 -1.54 -13.64
N GLN A 95 -16.79 -0.92 -12.62
CA GLN A 95 -18.21 -0.53 -12.64
C GLN A 95 -19.08 -1.74 -12.94
N ASP A 96 -18.68 -2.91 -12.44
CA ASP A 96 -19.44 -4.10 -12.75
C ASP A 96 -20.87 -4.01 -12.20
N THR A 97 -21.83 -4.42 -13.00
CA THR A 97 -23.22 -4.45 -12.52
C THR A 97 -23.40 -5.05 -11.12
N ARG A 98 -22.69 -6.13 -10.87
CA ARG A 98 -22.75 -6.81 -9.55
C ARG A 98 -22.26 -5.94 -8.40
N MET A 99 -21.27 -5.08 -8.68
CA MET A 99 -20.77 -4.18 -7.67
C MET A 99 -21.89 -3.17 -7.32
N PHE A 100 -22.54 -2.57 -8.32
CA PHE A 100 -23.62 -1.63 -7.96
C PHE A 100 -24.74 -2.33 -7.16
N GLN A 101 -25.05 -3.57 -7.55
CA GLN A 101 -26.07 -4.39 -6.86
C GLN A 101 -25.71 -4.75 -5.44
N GLY A 102 -24.40 -4.67 -5.12
CA GLY A 102 -23.87 -5.02 -3.78
C GLY A 102 -24.03 -3.96 -2.72
N VAL A 103 -24.47 -2.76 -3.09
CA VAL A 103 -24.65 -1.74 -2.10
C VAL A 103 -25.95 -2.02 -1.37
N ARG A 104 -25.88 -2.66 -0.23
CA ARG A 104 -27.09 -3.01 0.50
C ARG A 104 -27.37 -1.91 1.49
N GLY A 105 -26.32 -1.27 1.95
CA GLY A 105 -26.44 -0.35 3.04
C GLY A 105 -26.59 1.11 2.68
N GLU A 106 -26.44 1.98 3.67
CA GLU A 106 -26.61 3.40 3.35
C GLU A 106 -25.33 3.95 2.67
N ILE A 107 -25.47 4.83 1.68
CA ILE A 107 -24.25 5.41 1.07
C ILE A 107 -24.59 6.89 0.78
N ASN A 108 -23.66 7.79 1.05
CA ASN A 108 -23.95 9.21 0.93
C ASN A 108 -23.23 9.79 -0.25
N PHE A 109 -23.90 10.64 -1.00
CA PHE A 109 -23.17 11.34 -2.11
C PHE A 109 -22.98 12.84 -1.89
N LEU A 110 -23.37 13.31 -0.69
CA LEU A 110 -23.10 14.68 -0.26
C LEU A 110 -22.52 14.51 1.11
N ASN A 111 -21.62 15.42 1.47
CA ASN A 111 -21.14 15.42 2.85
C ASN A 111 -22.07 16.21 3.78
N ARG A 112 -21.70 16.31 5.06
CA ARG A 112 -22.53 16.98 6.05
C ARG A 112 -22.79 18.45 5.75
N ALA A 113 -21.82 19.10 5.12
CA ALA A 113 -21.91 20.51 4.75
C ALA A 113 -22.55 20.70 3.39
N GLY A 114 -23.15 19.63 2.81
CA GLY A 114 -23.89 19.69 1.57
C GLY A 114 -23.00 19.69 0.30
N GLN A 115 -21.71 19.41 0.49
CA GLN A 115 -20.75 19.44 -0.64
C GLN A 115 -20.92 18.18 -1.42
N LEU A 116 -20.51 18.28 -2.68
CA LEU A 116 -20.66 17.20 -3.62
C LEU A 116 -19.54 16.18 -3.50
N LEU A 117 -19.92 14.89 -3.45
CA LEU A 117 -18.92 13.82 -3.43
C LEU A 117 -19.01 12.98 -4.71
N SER A 118 -17.88 12.38 -5.04
CA SER A 118 -17.87 11.54 -6.27
C SER A 118 -18.54 10.19 -5.98
N PRO A 119 -19.55 9.76 -6.76
CA PRO A 119 -20.14 8.45 -6.56
C PRO A 119 -19.09 7.32 -6.62
N MET A 120 -18.17 7.33 -7.56
CA MET A 120 -17.22 6.20 -7.70
C MET A 120 -16.31 6.12 -6.47
N TYR A 121 -15.84 7.29 -6.02
CA TYR A 121 -14.98 7.27 -4.84
C TYR A 121 -15.83 6.86 -3.64
N GLN A 122 -17.10 7.26 -3.57
CA GLN A 122 -17.93 6.83 -2.39
C GLN A 122 -18.16 5.35 -2.38
N LEU A 123 -18.26 4.78 -3.58
CA LEU A 123 -18.40 3.30 -3.76
C LEU A 123 -17.14 2.54 -3.37
N GLN A 124 -15.98 3.10 -3.70
CA GLN A 124 -14.70 2.57 -3.26
C GLN A 124 -14.69 2.55 -1.71
N ARG A 125 -14.99 3.70 -1.08
CA ARG A 125 -15.00 3.74 0.40
C ARG A 125 -15.99 2.70 0.97
N TYR A 126 -17.18 2.57 0.37
CA TYR A 126 -18.24 1.70 0.81
C TYR A 126 -17.72 0.27 0.87
N PHE A 127 -17.11 -0.17 -0.23
CA PHE A 127 -16.77 -1.60 -0.30
C PHE A 127 -15.46 -1.97 0.37
N LEU A 128 -14.59 -1.01 0.59
CA LEU A 128 -13.35 -1.34 1.33
C LEU A 128 -13.81 -1.51 2.77
N ASN A 129 -14.86 -0.82 3.14
CA ASN A 129 -15.40 -0.98 4.53
C ASN A 129 -16.28 -2.22 4.72
N ARG A 130 -16.91 -2.66 3.64
CA ARG A 130 -17.88 -3.77 3.63
C ARG A 130 -17.72 -4.73 2.46
N SER A 131 -16.74 -5.55 2.46
CA SER A 131 -16.49 -6.24 1.20
C SER A 131 -17.39 -7.45 1.06
N SER A 132 -17.94 -7.93 2.17
CA SER A 132 -18.76 -9.17 2.07
C SER A 132 -20.01 -8.93 1.21
N ASP A 133 -20.51 -7.68 1.20
CA ASP A 133 -21.55 -7.24 0.31
C ASP A 133 -21.20 -7.39 -1.18
N LEU A 134 -19.94 -7.23 -1.52
CA LEU A 134 -19.59 -7.40 -2.89
C LEU A 134 -19.34 -8.91 -3.18
N PHE A 135 -18.61 -9.58 -2.29
CA PHE A 135 -18.28 -11.01 -2.56
C PHE A 135 -19.51 -11.89 -2.52
N ASP A 136 -20.50 -11.57 -1.64
CA ASP A 136 -21.56 -12.55 -1.39
C ASP A 136 -22.24 -13.00 -2.67
N GLN A 137 -22.53 -12.04 -3.58
CA GLN A 137 -23.20 -12.36 -4.82
C GLN A 137 -22.34 -12.23 -6.12
N TRP A 138 -21.01 -12.01 -6.02
CA TRP A 138 -20.14 -11.92 -7.19
C TRP A 138 -20.22 -13.19 -8.07
N GLY A 139 -20.15 -14.32 -7.41
CA GLY A 139 -20.15 -15.58 -8.24
C GLY A 139 -18.80 -16.26 -8.39
N TYR A 140 -18.82 -17.60 -8.51
CA TYR A 140 -17.62 -18.40 -8.61
C TYR A 140 -17.70 -19.24 -9.88
N GLU A 141 -16.52 -19.66 -10.36
CA GLU A 141 -16.43 -20.53 -11.53
C GLU A 141 -15.26 -21.48 -11.27
N GLU A 142 -15.24 -22.58 -12.02
CA GLU A 142 -14.18 -23.53 -11.81
C GLU A 142 -12.81 -22.86 -12.00
N SER A 143 -11.87 -23.18 -11.14
CA SER A 143 -10.45 -22.68 -11.26
C SER A 143 -9.75 -23.38 -12.43
N PRO A 144 -8.74 -22.72 -13.01
CA PRO A 144 -7.95 -23.52 -14.01
C PRO A 144 -7.24 -24.76 -13.45
N LYS A 145 -7.13 -25.80 -14.29
CA LYS A 145 -6.42 -27.02 -13.92
C LYS A 145 -5.19 -27.16 -14.84
N ALA A 146 -4.11 -27.57 -14.21
CA ALA A 146 -2.87 -27.98 -14.88
C ALA A 146 -2.19 -26.83 -15.54
N SER A 147 -2.42 -25.60 -15.03
CA SER A 147 -1.81 -24.44 -15.63
C SER A 147 -0.83 -23.65 -14.71
N GLU A 148 -0.41 -22.50 -15.19
CA GLU A 148 0.54 -21.67 -14.43
C GLU A 148 -0.25 -20.78 -13.45
N LEU A 149 -1.58 -20.93 -13.43
CA LEU A 149 -2.43 -20.03 -12.64
C LEU A 149 -3.22 -20.86 -11.64
N HIS A 150 -3.71 -20.25 -10.56
CA HIS A 150 -4.66 -20.95 -9.68
C HIS A 150 -5.85 -20.05 -9.31
N GLY A 151 -6.84 -20.63 -8.66
CA GLY A 151 -8.07 -19.87 -8.40
C GLY A 151 -8.00 -19.36 -6.96
N ILE A 152 -8.84 -18.38 -6.63
CA ILE A 152 -8.84 -17.78 -5.29
C ILE A 152 -10.27 -17.56 -4.82
N ASN A 153 -10.51 -17.82 -3.56
CA ASN A 153 -11.80 -17.50 -3.02
C ASN A 153 -11.85 -16.18 -2.25
N GLU A 154 -13.02 -15.82 -1.72
CA GLU A 154 -13.20 -14.51 -1.13
C GLU A 154 -12.42 -14.31 0.13
N SER A 155 -11.94 -15.40 0.71
CA SER A 155 -11.03 -15.33 1.83
C SER A 155 -9.56 -15.25 1.46
N MET A 156 -9.30 -15.11 0.16
CA MET A 156 -7.93 -15.03 -0.45
C MET A 156 -7.14 -16.31 -0.34
N ASN A 157 -7.82 -17.44 -0.13
CA ASN A 157 -7.17 -18.74 -0.14
C ASN A 157 -7.31 -19.43 -1.48
N ALA A 158 -6.32 -20.21 -1.87
CA ALA A 158 -6.43 -20.99 -3.15
C ALA A 158 -7.53 -21.96 -3.03
N SER A 159 -8.22 -22.14 -4.13
CA SER A 159 -9.45 -22.91 -4.13
C SER A 159 -9.66 -23.51 -5.48
N ASP A 160 -10.42 -24.61 -5.52
CA ASP A 160 -10.81 -25.23 -6.80
C ASP A 160 -11.88 -24.48 -7.58
N TYR A 161 -12.54 -23.51 -6.94
CA TYR A 161 -13.43 -22.57 -7.60
C TYR A 161 -12.93 -21.22 -7.27
N THR A 162 -13.13 -20.30 -8.22
CA THR A 162 -12.47 -18.99 -8.04
C THR A 162 -13.49 -17.89 -8.26
N LEU A 163 -13.26 -16.71 -7.66
CA LEU A 163 -14.17 -15.60 -7.94
C LEU A 163 -14.23 -15.38 -9.47
N LYS A 164 -15.41 -15.11 -10.03
CA LYS A 164 -15.55 -15.10 -11.53
C LYS A 164 -14.64 -14.01 -12.10
N GLY A 165 -13.82 -14.44 -13.06
CA GLY A 165 -12.94 -13.52 -13.72
C GLY A 165 -11.58 -13.39 -13.05
N VAL A 166 -11.37 -13.89 -11.84
CA VAL A 166 -10.09 -13.64 -11.17
C VAL A 166 -9.21 -14.85 -11.17
N VAL A 167 -7.92 -14.71 -11.44
CA VAL A 167 -6.98 -15.82 -11.33
C VAL A 167 -5.66 -15.27 -10.78
N VAL A 168 -4.85 -16.17 -10.25
CA VAL A 168 -3.64 -15.79 -9.59
C VAL A 168 -2.46 -16.57 -10.13
N THR A 169 -1.36 -15.86 -10.35
CA THR A 169 -0.12 -16.47 -10.90
C THR A 169 0.53 -17.34 -9.84
N LYS A 170 0.79 -18.61 -10.18
CA LYS A 170 1.52 -19.47 -9.20
C LYS A 170 2.96 -18.97 -9.05
N ASN A 171 3.43 -18.87 -7.78
CA ASN A 171 4.83 -18.57 -7.51
C ASN A 171 5.78 -19.70 -7.94
N ARG B 9 -6.44 -2.73 18.07
CA ARG B 9 -5.26 -2.40 17.20
C ARG B 9 -4.55 -3.69 16.81
N GLN B 10 -4.22 -3.76 15.55
CA GLN B 10 -3.84 -5.02 15.01
C GLN B 10 -2.33 -4.96 14.74
N ARG B 11 -1.70 -6.11 14.67
CA ARG B 11 -0.31 -6.14 14.19
C ARG B 11 -0.37 -5.97 12.69
N GLN B 12 0.55 -5.19 12.13
CA GLN B 12 0.64 -4.91 10.67
C GLN B 12 2.07 -5.08 10.17
N ARG B 13 2.24 -5.29 8.86
CA ARG B 13 3.56 -5.55 8.31
C ARG B 13 3.88 -4.48 7.28
N PHE B 14 5.15 -4.08 7.29
CA PHE B 14 5.77 -3.31 6.18
C PHE B 14 6.96 -4.16 5.76
N GLY B 15 6.71 -5.21 4.96
CA GLY B 15 7.79 -6.18 4.66
C GLY B 15 8.43 -6.84 5.88
N ARG B 16 9.73 -6.64 6.06
CA ARG B 16 10.39 -7.24 7.23
C ARG B 16 10.06 -6.48 8.54
N LEU B 17 9.40 -5.34 8.46
CA LEU B 17 9.04 -4.64 9.72
C LEU B 17 7.68 -5.09 10.16
N GLU B 18 7.51 -5.27 11.47
CA GLU B 18 6.17 -5.43 12.02
C GLU B 18 5.86 -4.24 12.92
N LEU B 19 4.62 -3.81 12.88
CA LEU B 19 4.18 -2.64 13.67
C LEU B 19 2.86 -2.88 14.37
N LYS B 20 2.67 -2.16 15.48
CA LYS B 20 1.37 -2.12 16.13
C LYS B 20 1.18 -0.75 16.70
N ARG B 21 0.13 -0.06 16.26
CA ARG B 21 -0.07 1.36 16.61
C ARG B 21 -0.25 1.55 18.10
N ILE B 22 0.42 2.56 18.62
CA ILE B 22 0.24 2.94 20.02
C ILE B 22 -0.66 4.16 20.03
N SER B 23 -0.40 5.13 19.16
CA SER B 23 -1.20 6.36 19.16
C SER B 23 -1.09 7.14 17.86
N GLY B 24 -1.99 8.11 17.69
CA GLY B 24 -1.98 9.00 16.59
C GLY B 24 -2.67 8.41 15.40
N ARG B 25 -2.81 9.22 14.37
CA ARG B 25 -3.45 8.78 13.15
C ARG B 25 -2.76 9.56 12.03
N GLY B 26 -2.39 8.88 10.96
CA GLY B 26 -1.86 9.57 9.83
C GLY B 26 -2.86 9.65 8.70
N PHE B 27 -2.66 10.67 7.88
CA PHE B 27 -3.43 10.88 6.69
C PHE B 27 -2.50 10.92 5.49
N LYS B 28 -2.85 10.12 4.51
CA LYS B 28 -1.96 9.94 3.34
C LYS B 28 -2.35 10.82 2.13
N ASN B 29 -1.40 11.57 1.62
CA ASN B 29 -1.58 12.39 0.42
C ASN B 29 -0.43 12.20 -0.52
N ASP B 30 -0.67 12.15 -1.84
CA ASP B 30 0.44 12.00 -2.77
C ASP B 30 1.20 13.29 -2.92
N GLU B 31 2.54 13.19 -2.89
CA GLU B 31 3.43 14.33 -3.02
C GLU B 31 4.59 14.02 -3.91
N GLU B 32 5.09 15.06 -4.59
CA GLU B 32 6.20 14.92 -5.52
C GLU B 32 7.46 15.05 -4.68
N ILE B 33 8.17 13.95 -4.51
CA ILE B 33 9.36 13.92 -3.69
C ILE B 33 10.67 13.85 -4.50
N LEU B 34 11.56 14.77 -4.20
CA LEU B 34 12.87 14.73 -4.77
C LEU B 34 13.72 13.68 -4.05
N ILE B 35 14.20 12.71 -4.78
CA ILE B 35 15.04 11.78 -4.12
C ILE B 35 16.52 12.06 -4.41
N GLY B 36 17.40 11.41 -3.69
CA GLY B 36 18.80 11.86 -3.73
C GLY B 36 19.52 11.61 -5.04
N ASN B 37 18.90 10.90 -5.95
CA ASN B 37 19.51 10.61 -7.25
C ASN B 37 19.05 11.60 -8.32
N GLY B 38 18.39 12.66 -7.91
CA GLY B 38 18.01 13.78 -8.79
C GLY B 38 16.70 13.63 -9.52
N THR B 39 15.97 12.56 -9.20
CA THR B 39 14.63 12.29 -9.80
C THR B 39 13.54 12.65 -8.82
N ILE B 40 12.33 12.86 -9.35
CA ILE B 40 11.25 13.31 -8.54
C ILE B 40 10.25 12.23 -8.71
N GLN B 41 9.79 11.65 -7.60
CA GLN B 41 8.86 10.52 -7.66
C GLN B 41 7.63 10.85 -6.86
N LYS B 42 6.47 10.50 -7.38
CA LYS B 42 5.24 10.69 -6.62
C LYS B 42 5.10 9.58 -5.62
N ILE B 43 4.88 9.96 -4.36
CA ILE B 43 4.82 8.99 -3.24
C ILE B 43 3.68 9.39 -2.31
N GLY B 44 2.95 8.40 -1.84
CA GLY B 44 1.95 8.65 -0.77
C GLY B 44 2.67 8.98 0.54
N ILE B 45 2.50 10.22 0.99
CA ILE B 45 3.19 10.68 2.22
C ILE B 45 2.21 10.83 3.37
N TRP B 46 2.52 10.25 4.54
CA TRP B 46 1.65 10.30 5.69
C TRP B 46 1.89 11.62 6.45
N ASP B 47 0.82 12.29 6.87
CA ASP B 47 0.94 13.52 7.64
C ASP B 47 0.29 13.20 9.01
N GLY B 48 0.91 13.64 10.09
CA GLY B 48 0.30 13.40 11.40
C GLY B 48 1.33 12.79 12.31
N GLU B 49 1.21 13.09 13.59
CA GLU B 49 2.02 12.38 14.54
C GLU B 49 1.53 10.93 14.73
N GLU B 50 2.43 9.96 14.77
CA GLU B 50 1.99 8.57 15.02
C GLU B 50 3.04 7.88 15.80
N GLU B 51 2.64 6.94 16.64
CA GLU B 51 3.66 6.20 17.38
C GLU B 51 3.32 4.72 17.34
N PHE B 52 4.33 3.87 17.24
CA PHE B 52 4.07 2.43 16.95
C PHE B 52 5.02 1.57 17.79
N HIS B 53 4.54 0.43 18.27
CA HIS B 53 5.52 -0.64 18.61
C HIS B 53 6.06 -1.16 17.30
N VAL B 54 7.35 -1.50 17.29
CA VAL B 54 7.97 -1.99 16.06
C VAL B 54 8.79 -3.26 16.42
N ARG B 55 8.95 -4.12 15.42
CA ARG B 55 9.83 -5.29 15.56
C ARG B 55 10.49 -5.64 14.25
N CYS B 56 11.70 -6.13 14.35
CA CYS B 56 12.31 -6.82 13.23
C CYS B 56 13.05 -7.98 13.88
N GLY B 57 12.55 -9.19 13.63
CA GLY B 57 13.29 -10.32 14.22
C GLY B 57 13.13 -10.31 15.72
N GLU B 58 14.25 -10.46 16.42
CA GLU B 58 14.27 -10.34 17.89
C GLU B 58 14.50 -8.91 18.42
N CYS B 59 14.55 -7.92 17.54
CA CYS B 59 14.77 -6.54 18.04
C CYS B 59 13.43 -5.85 18.01
N ARG B 60 13.12 -5.16 19.13
CA ARG B 60 11.78 -4.59 19.38
C ARG B 60 12.00 -3.14 19.74
N GLY B 61 11.02 -2.28 19.47
CA GLY B 61 11.17 -0.92 20.06
C GLY B 61 9.94 -0.07 19.81
N ILE B 62 10.10 1.24 19.92
CA ILE B 62 9.02 2.16 19.78
C ILE B 62 9.47 3.30 18.83
N LEU B 63 8.65 3.51 17.83
CA LEU B 63 8.88 4.49 16.81
C LEU B 63 7.89 5.61 16.89
N LYS B 64 8.38 6.82 16.91
CA LYS B 64 7.55 8.00 16.84
C LYS B 64 7.89 8.78 15.58
N LYS B 65 6.90 9.09 14.78
CA LYS B 65 7.14 9.80 13.53
C LYS B 65 6.21 11.01 13.42
N SER B 66 6.61 11.97 12.57
CA SER B 66 5.64 12.98 12.11
C SER B 66 5.80 13.06 10.63
N LYS B 67 5.13 14.01 9.98
CA LYS B 67 5.26 14.08 8.49
C LYS B 67 6.74 14.14 8.01
N MET B 68 7.17 13.13 7.21
CA MET B 68 8.54 13.03 6.67
C MET B 68 9.63 13.24 7.75
N LYS B 69 9.36 12.70 8.93
CA LYS B 69 10.29 12.86 10.05
C LYS B 69 10.30 11.68 11.03
N LEU B 70 11.50 11.07 11.22
CA LEU B 70 11.63 10.12 12.30
C LEU B 70 11.93 10.98 13.55
N GLU B 71 10.99 10.98 14.50
CA GLU B 71 11.14 11.85 15.70
C GLU B 71 11.98 11.17 16.74
N LYS B 72 11.67 9.91 17.06
CA LYS B 72 12.42 9.14 18.04
C LYS B 72 12.30 7.67 17.72
N LEU B 73 13.36 6.90 17.97
CA LEU B 73 13.26 5.44 17.88
C LEU B 73 14.01 4.86 19.08
N LEU B 74 13.31 4.11 19.91
CA LEU B 74 13.94 3.48 21.05
C LEU B 74 13.93 1.99 20.74
N ILE B 75 15.09 1.35 20.78
CA ILE B 75 15.15 -0.11 20.55
C ILE B 75 15.86 -0.84 21.68
N ASN B 76 15.63 -2.16 21.74
CA ASN B 76 16.35 -2.99 22.75
C ASN B 76 17.67 -3.46 22.15
N SER B 77 18.55 -3.93 23.02
CA SER B 77 19.81 -4.41 22.50
C SER B 77 19.50 -5.82 22.01
N ALA B 78 19.91 -6.18 20.82
CA ALA B 78 19.64 -7.53 20.38
C ALA B 78 20.67 -7.91 19.31
N LYS B 79 20.46 -9.05 18.71
CA LYS B 79 21.34 -9.47 17.63
C LYS B 79 21.65 -8.27 16.72
N LYS B 80 22.91 -7.99 16.44
CA LYS B 80 23.24 -6.77 15.64
C LYS B 80 22.62 -6.67 14.24
N GLU B 81 22.47 -7.79 13.55
CA GLU B 81 21.75 -7.72 12.29
C GLU B 81 20.29 -7.24 12.42
N ASP B 82 19.62 -7.64 13.49
CA ASP B 82 18.19 -7.29 13.66
C ASP B 82 18.12 -5.84 14.18
N MET B 83 19.09 -5.41 15.03
CA MET B 83 19.09 -3.99 15.39
C MET B 83 19.26 -3.16 14.10
N ARG B 84 20.20 -3.54 13.25
CA ARG B 84 20.52 -2.76 12.03
C ARG B 84 19.25 -2.69 11.18
N ASP B 85 18.65 -3.85 10.94
CA ASP B 85 17.54 -3.88 10.05
C ASP B 85 16.33 -3.15 10.65
N LEU B 86 16.13 -3.24 11.97
CA LEU B 86 14.99 -2.50 12.51
C LEU B 86 15.19 -1.01 12.26
N ILE B 87 16.44 -0.56 12.43
CA ILE B 87 16.70 0.87 12.34
C ILE B 87 16.49 1.29 10.91
N ILE B 88 17.03 0.53 9.96
CA ILE B 88 16.84 0.87 8.55
C ILE B 88 15.33 0.91 8.18
N LEU B 89 14.57 -0.10 8.62
CA LEU B 89 13.16 -0.20 8.24
C LEU B 89 12.37 0.96 8.83
N CYS B 90 12.78 1.37 10.02
CA CYS B 90 12.05 2.52 10.65
C CYS B 90 12.43 3.82 9.99
N MET B 91 13.69 3.99 9.58
CA MET B 91 14.08 5.20 8.80
C MET B 91 13.24 5.26 7.51
N VAL B 92 13.08 4.12 6.83
CA VAL B 92 12.29 4.14 5.60
C VAL B 92 10.77 4.34 5.92
N PHE B 93 10.24 3.61 6.90
CA PHE B 93 8.79 3.75 7.26
C PHE B 93 8.43 5.21 7.68
N SER B 94 9.40 5.85 8.37
CA SER B 94 9.23 7.26 8.77
C SER B 94 9.10 8.21 7.60
N GLN B 95 9.52 7.82 6.38
CA GLN B 95 9.55 8.69 5.20
C GLN B 95 10.39 9.94 5.43
N ASP B 96 11.40 9.79 6.29
CA ASP B 96 12.23 10.95 6.66
C ASP B 96 12.91 11.53 5.39
N THR B 97 12.90 12.85 5.30
CA THR B 97 13.52 13.54 4.23
C THR B 97 14.97 13.09 3.99
N ARG B 98 15.66 12.78 5.05
CA ARG B 98 17.08 12.26 4.93
C ARG B 98 17.17 10.88 4.25
N MET B 99 16.15 10.06 4.50
CA MET B 99 16.12 8.76 3.91
C MET B 99 15.96 8.93 2.36
N PHE B 100 15.05 9.77 1.92
CA PHE B 100 14.87 9.95 0.48
C PHE B 100 16.17 10.49 -0.13
N GLN B 101 16.81 11.41 0.57
CA GLN B 101 18.12 11.89 0.07
C GLN B 101 19.22 10.86 0.03
N GLY B 102 19.08 9.80 0.82
CA GLY B 102 20.07 8.70 0.86
C GLY B 102 20.04 7.79 -0.35
N VAL B 103 19.07 7.98 -1.24
CA VAL B 103 19.04 7.18 -2.43
C VAL B 103 19.97 7.82 -3.46
N ARG B 104 21.16 7.28 -3.67
CA ARG B 104 22.09 7.98 -4.56
C ARG B 104 22.13 7.27 -5.91
N GLY B 105 21.74 6.00 -5.91
CA GLY B 105 21.82 5.10 -7.10
C GLY B 105 20.47 4.94 -7.79
N GLU B 106 20.40 4.14 -8.83
CA GLU B 106 19.12 3.97 -9.53
C GLU B 106 18.15 3.14 -8.69
N ILE B 107 16.87 3.47 -8.80
CA ILE B 107 15.87 2.68 -8.10
C ILE B 107 14.74 2.63 -9.12
N ASN B 108 14.16 1.47 -9.33
CA ASN B 108 13.07 1.35 -10.28
C ASN B 108 11.74 1.12 -9.62
N PHE B 109 10.72 1.74 -10.20
CA PHE B 109 9.41 1.60 -9.65
C PHE B 109 8.51 0.82 -10.55
N LEU B 110 9.12 0.26 -11.61
CA LEU B 110 8.44 -0.73 -12.47
C LEU B 110 9.31 -1.97 -12.55
N ASN B 111 8.71 -3.14 -12.72
CA ASN B 111 9.57 -4.35 -12.94
C ASN B 111 9.81 -4.53 -14.45
N ARG B 112 10.57 -5.54 -14.82
CA ARG B 112 10.96 -5.71 -16.23
C ARG B 112 9.75 -5.88 -17.18
N ALA B 113 8.68 -6.45 -16.62
CA ALA B 113 7.45 -6.73 -17.33
C ALA B 113 6.53 -5.53 -17.39
N GLY B 114 6.97 -4.40 -16.79
CA GLY B 114 6.25 -3.17 -16.87
C GLY B 114 5.19 -3.04 -15.76
N GLN B 115 5.20 -3.96 -14.79
CA GLN B 115 4.15 -3.94 -13.76
C GLN B 115 4.55 -2.89 -12.71
N LEU B 116 3.54 -2.44 -11.99
CA LEU B 116 3.73 -1.34 -11.05
C LEU B 116 4.22 -1.81 -9.74
N LEU B 117 5.28 -1.17 -9.19
CA LEU B 117 5.79 -1.53 -7.91
C LEU B 117 5.58 -0.38 -6.91
N SER B 118 5.57 -0.74 -5.65
CA SER B 118 5.29 0.21 -4.56
C SER B 118 6.63 1.00 -4.32
N PRO B 119 6.63 2.32 -4.38
CA PRO B 119 7.82 3.10 -4.08
C PRO B 119 8.33 2.79 -2.65
N MET B 120 7.43 2.71 -1.68
CA MET B 120 7.90 2.50 -0.25
C MET B 120 8.57 1.14 -0.11
N TYR B 121 7.93 0.11 -0.71
CA TYR B 121 8.57 -1.23 -0.68
C TYR B 121 9.87 -1.25 -1.46
N GLN B 122 9.96 -0.53 -2.58
CA GLN B 122 11.22 -0.56 -3.31
C GLN B 122 12.32 0.19 -2.51
N LEU B 123 11.90 1.19 -1.75
CA LEU B 123 12.86 1.90 -0.87
C LEU B 123 13.35 1.00 0.24
N GLN B 124 12.45 0.23 0.84
CA GLN B 124 12.88 -0.79 1.82
C GLN B 124 13.92 -1.76 1.22
N ARG B 125 13.64 -2.28 0.03
CA ARG B 125 14.59 -3.24 -0.58
C ARG B 125 15.93 -2.55 -0.89
N TYR B 126 15.87 -1.32 -1.41
CA TYR B 126 17.08 -0.52 -1.71
C TYR B 126 17.96 -0.33 -0.45
N PHE B 127 17.37 0.08 0.68
CA PHE B 127 18.16 0.36 1.86
C PHE B 127 18.55 -0.80 2.71
N LEU B 128 17.84 -1.92 2.57
CA LEU B 128 18.31 -3.08 3.30
C LEU B 128 19.69 -3.49 2.68
N ASN B 129 19.85 -3.19 1.40
CA ASN B 129 21.12 -3.46 0.71
C ASN B 129 22.18 -2.35 0.83
N ARG B 130 21.74 -1.10 0.97
CA ARG B 130 22.64 0.06 1.07
C ARG B 130 22.55 0.86 2.34
N SER B 131 22.68 0.21 3.46
CA SER B 131 22.39 0.96 4.65
C SER B 131 23.57 1.85 5.05
N SER B 132 24.81 1.54 4.63
CA SER B 132 25.90 2.45 5.00
C SER B 132 25.68 3.82 4.33
N ASP B 133 25.12 3.87 3.11
CA ASP B 133 24.76 5.14 2.48
C ASP B 133 23.69 5.91 3.29
N LEU B 134 22.68 5.19 3.77
CA LEU B 134 21.62 5.80 4.59
C LEU B 134 22.20 6.37 5.86
N PHE B 135 22.97 5.56 6.59
CA PHE B 135 23.54 6.02 7.88
C PHE B 135 24.45 7.23 7.71
N ASP B 136 25.25 7.23 6.64
CA ASP B 136 26.00 8.44 6.17
C ASP B 136 25.16 9.73 6.01
N GLN B 137 24.04 9.71 5.27
CA GLN B 137 23.11 10.83 5.12
C GLN B 137 22.45 11.21 6.44
N TRP B 138 22.22 10.21 7.30
CA TRP B 138 21.32 10.39 8.45
C TRP B 138 21.91 11.32 9.50
N GLY B 139 23.18 11.07 9.84
CA GLY B 139 23.89 11.92 10.77
C GLY B 139 23.89 11.39 12.21
N TYR B 140 24.66 12.09 13.06
CA TYR B 140 24.86 11.63 14.44
C TYR B 140 24.72 12.76 15.43
N GLU B 141 24.55 12.38 16.70
CA GLU B 141 24.29 13.31 17.81
C GLU B 141 24.83 12.70 19.12
N GLU B 142 25.01 13.49 20.20
CA GLU B 142 25.50 12.95 21.45
C GLU B 142 24.51 11.92 21.96
N SER B 143 25.05 10.85 22.49
CA SER B 143 24.32 9.77 23.12
C SER B 143 23.53 10.23 24.32
N PRO B 144 22.42 9.56 24.55
CA PRO B 144 21.46 9.93 25.57
C PRO B 144 22.03 9.77 26.96
N LYS B 145 21.66 10.66 27.86
CA LYS B 145 22.21 10.68 29.19
C LYS B 145 21.41 9.87 30.21
N ALA B 146 20.12 9.61 29.94
CA ALA B 146 19.28 8.80 30.85
C ALA B 146 19.93 7.46 31.28
N SER B 147 19.64 7.04 32.52
CA SER B 147 20.37 5.96 33.13
C SER B 147 20.24 4.63 32.36
N GLU B 148 19.08 4.40 31.75
CA GLU B 148 18.74 3.10 31.16
C GLU B 148 19.06 3.07 29.64
N LEU B 149 19.56 4.19 29.11
CA LEU B 149 19.77 4.34 27.64
C LEU B 149 21.23 4.51 27.24
N HIS B 150 21.51 4.08 26.01
CA HIS B 150 22.82 4.37 25.42
C HIS B 150 22.69 4.60 23.95
N GLY B 151 23.78 5.04 23.32
CA GLY B 151 23.78 5.41 21.91
C GLY B 151 24.43 4.28 21.13
N ILE B 152 24.18 4.30 19.82
CA ILE B 152 24.62 3.25 18.88
C ILE B 152 25.22 3.93 17.63
N ASN B 153 26.36 3.43 17.16
CA ASN B 153 26.97 3.98 15.96
C ASN B 153 26.60 3.10 14.79
N GLU B 154 27.18 3.42 13.65
CA GLU B 154 26.77 2.79 12.43
C GLU B 154 27.10 1.31 12.40
N SER B 155 27.97 0.85 13.31
CA SER B 155 28.30 -0.59 13.47
C SER B 155 27.45 -1.29 14.50
N MET B 156 26.45 -0.60 15.02
CA MET B 156 25.54 -1.14 16.02
C MET B 156 26.20 -1.40 17.35
N ASN B 157 27.28 -0.65 17.61
CA ASN B 157 28.02 -0.74 18.87
C ASN B 157 27.75 0.43 19.75
N ALA B 158 27.76 0.21 21.06
CA ALA B 158 27.64 1.31 22.02
C ALA B 158 28.70 2.36 21.72
N SER B 159 28.32 3.63 21.79
CA SER B 159 29.13 4.75 21.34
C SER B 159 28.68 6.04 22.04
N ASP B 160 29.60 7.02 22.12
CA ASP B 160 29.31 8.27 22.71
C ASP B 160 28.51 9.16 21.77
N TYR B 161 28.44 8.78 20.48
CA TYR B 161 27.51 9.42 19.56
C TYR B 161 26.55 8.37 19.06
N THR B 162 25.42 8.83 18.58
CA THR B 162 24.38 7.87 18.19
C THR B 162 23.75 8.36 16.91
N LEU B 163 23.15 7.47 16.13
CA LEU B 163 22.38 7.90 15.00
C LEU B 163 21.26 8.84 15.50
N LYS B 164 21.04 9.94 14.77
CA LYS B 164 20.07 10.96 15.22
C LYS B 164 18.69 10.39 15.52
N GLY B 165 18.22 10.58 16.77
CA GLY B 165 16.87 10.14 17.12
C GLY B 165 16.80 8.73 17.66
N VAL B 166 17.90 8.02 17.58
CA VAL B 166 17.98 6.60 18.00
C VAL B 166 18.58 6.43 19.40
N VAL B 167 17.89 5.69 20.25
CA VAL B 167 18.42 5.32 21.58
C VAL B 167 18.21 3.82 21.84
N VAL B 168 19.05 3.24 22.72
CA VAL B 168 18.98 1.82 22.92
C VAL B 168 18.83 1.58 24.40
N THR B 169 18.02 0.61 24.77
CA THR B 169 17.84 0.23 26.16
C THR B 169 18.63 -1.01 26.42
N LYS B 170 18.99 -1.27 27.65
CA LYS B 170 19.56 -2.54 28.06
C LYS B 170 19.01 -2.71 29.40
N ASN B 171 18.05 -3.60 29.61
CA ASN B 171 17.75 -4.73 28.76
C ASN B 171 17.36 -6.03 29.54
#